data_2BGM
#
_entry.id   2BGM
#
_cell.length_a   57.350
_cell.length_b   118.740
_cell.length_c   131.250
_cell.angle_alpha   90.00
_cell.angle_beta   90.00
_cell.angle_gamma   90.00
#
_symmetry.space_group_name_H-M   'F 2 2 2'
#
loop_
_entity.id
_entity.type
_entity.pdbx_description
1 polymer 'RHIZOME SECOISOLARICIRESINOL DEHYDROGENASE'
2 non-polymer 'NICOTINAMIDE-ADENINE-DINUCLEOTIDE (ACIDIC FORM)'
3 non-polymer MATAIRESINOL
4 water water
#
_entity_poly.entity_id   1
_entity_poly.type   'polypeptide(L)'
_entity_poly.pdbx_seq_one_letter_code
;MGSTSTPDSSTNRLQDKVAIITGGAGGIGETTAKLFVRYGAKVVIADIADDHGQKVCNNIGSPDVISFVHCDVTKDEDVR
NLVDTTIAKHGKLDIMFGNVGVLSTTPYSILEAGNEDFKRVMDINVYGAFLVAKHAARVMIPAKKGSIVFTASISSFTAG
EGVSHVYTATKHAVLGLTTSLCTELGEYGIRVNCVSPYIVASPLLTDVFGVDSSRVEELAHQAANLKGTLLRAEDVADAV
AYLAGDESKYVSGLNLVIDGGYTRTNPAFPTALKHGLA
;
_entity_poly.pdbx_strand_id   A
#
# COMPACT_ATOMS: atom_id res chain seq x y z
N THR A 11 -16.86 14.61 4.48
CA THR A 11 -16.33 15.76 3.75
C THR A 11 -15.10 16.41 4.40
N ASN A 12 -15.11 16.30 5.73
CA ASN A 12 -14.09 16.75 6.64
C ASN A 12 -14.20 15.92 7.92
N ARG A 13 -13.51 14.74 7.80
CA ARG A 13 -13.21 13.65 8.77
C ARG A 13 -11.69 13.59 9.02
N LEU A 14 -11.01 14.02 7.94
CA LEU A 14 -9.58 14.18 7.96
C LEU A 14 -9.33 15.68 7.87
N GLN A 15 -10.19 16.58 8.40
CA GLN A 15 -9.97 18.03 8.39
C GLN A 15 -8.69 18.20 9.18
N ASP A 16 -7.70 18.92 8.63
CA ASP A 16 -6.38 19.22 9.27
C ASP A 16 -5.25 18.71 8.35
N LYS A 17 -5.44 17.42 8.09
CA LYS A 17 -4.41 16.51 7.72
C LYS A 17 -3.62 16.66 6.48
N VAL A 18 -2.36 16.40 6.78
CA VAL A 18 -1.33 16.34 5.76
C VAL A 18 -0.77 14.93 5.71
N ALA A 19 -0.99 14.43 4.48
CA ALA A 19 -0.59 13.14 3.99
C ALA A 19 0.39 13.11 2.83
N ILE A 20 1.24 12.06 2.79
CA ILE A 20 2.11 11.70 1.68
C ILE A 20 1.64 10.31 1.27
N ILE A 21 1.34 10.13 -0.03
CA ILE A 21 1.04 8.84 -0.63
C ILE A 21 2.26 8.46 -1.48
N THR A 22 3.18 7.63 -1.02
CA THR A 22 4.22 6.98 -1.84
C THR A 22 3.54 6.00 -2.88
N GLY A 23 4.03 5.77 -4.11
CA GLY A 23 3.27 4.99 -5.10
C GLY A 23 1.88 5.58 -5.46
N GLY A 24 1.64 6.88 -5.23
CA GLY A 24 0.35 7.51 -5.35
C GLY A 24 -0.19 7.80 -6.72
N ALA A 25 0.57 7.55 -7.80
CA ALA A 25 0.05 7.65 -9.16
C ALA A 25 -0.65 6.34 -9.56
N GLY A 26 -0.37 5.23 -8.88
CA GLY A 26 -0.95 3.91 -9.15
C GLY A 26 -2.42 3.68 -8.75
N GLY A 27 -3.00 2.50 -9.02
CA GLY A 27 -4.33 2.08 -8.65
C GLY A 27 -4.74 2.30 -7.19
N ILE A 28 -4.11 1.74 -6.14
CA ILE A 28 -4.50 1.94 -4.72
C ILE A 28 -4.10 3.33 -4.31
N GLY A 29 -2.99 3.87 -4.81
CA GLY A 29 -2.51 5.19 -4.40
C GLY A 29 -3.40 6.35 -4.82
N GLU A 30 -3.96 6.41 -6.04
CA GLU A 30 -4.84 7.46 -6.55
C GLU A 30 -6.24 7.47 -5.95
N THR A 31 -6.82 6.28 -5.66
CA THR A 31 -8.15 6.16 -5.08
C THR A 31 -7.99 6.66 -3.65
N THR A 32 -6.91 6.24 -2.96
CA THR A 32 -6.65 6.68 -1.60
C THR A 32 -6.54 8.19 -1.55
N ALA A 33 -5.73 8.82 -2.41
CA ALA A 33 -5.53 10.29 -2.45
C ALA A 33 -6.81 11.07 -2.73
N LYS A 34 -7.63 10.53 -3.62
CA LYS A 34 -8.96 11.02 -4.02
C LYS A 34 -9.83 11.03 -2.78
N LEU A 35 -9.75 9.93 -1.99
CA LEU A 35 -10.55 9.78 -0.77
C LEU A 35 -10.00 10.59 0.37
N PHE A 36 -8.68 10.76 0.56
CA PHE A 36 -8.18 11.71 1.55
C PHE A 36 -8.54 13.17 1.18
N VAL A 37 -8.47 13.64 -0.11
CA VAL A 37 -8.96 14.96 -0.52
C VAL A 37 -10.45 15.03 -0.20
N ARG A 38 -11.36 14.11 -0.59
CA ARG A 38 -12.78 14.19 -0.26
C ARG A 38 -12.98 14.33 1.25
N TYR A 39 -12.04 13.89 2.10
CA TYR A 39 -12.21 13.99 3.53
C TYR A 39 -11.53 15.19 4.16
N GLY A 40 -11.03 16.15 3.38
CA GLY A 40 -10.53 17.39 3.97
C GLY A 40 -9.03 17.54 4.17
N ALA A 41 -8.25 16.62 3.59
CA ALA A 41 -6.81 16.64 3.77
C ALA A 41 -6.02 17.26 2.60
N LYS A 42 -4.76 17.57 2.89
CA LYS A 42 -3.84 18.05 1.92
C LYS A 42 -2.99 16.83 1.69
N VAL A 43 -2.87 16.45 0.41
CA VAL A 43 -2.15 15.29 -0.08
C VAL A 43 -0.95 15.53 -1.02
N VAL A 44 0.18 14.80 -0.84
CA VAL A 44 1.32 14.81 -1.77
C VAL A 44 1.49 13.41 -2.30
N ILE A 45 1.13 13.18 -3.54
CA ILE A 45 1.34 11.94 -4.29
C ILE A 45 2.83 11.88 -4.66
N ALA A 46 3.58 10.79 -4.47
CA ALA A 46 4.99 10.73 -4.79
C ALA A 46 5.21 9.51 -5.64
N ASP A 47 6.01 9.66 -6.73
CA ASP A 47 6.12 8.57 -7.69
C ASP A 47 7.18 8.83 -8.72
N ILE A 48 7.58 7.74 -9.39
CA ILE A 48 8.51 7.86 -10.50
C ILE A 48 7.86 8.05 -11.88
N ALA A 49 6.56 7.72 -11.96
CA ALA A 49 5.68 7.89 -13.09
C ALA A 49 5.04 9.29 -13.10
N ASP A 50 5.96 10.11 -13.51
CA ASP A 50 5.91 11.50 -13.89
C ASP A 50 4.60 12.17 -14.29
N ASP A 51 4.21 11.83 -15.50
CA ASP A 51 3.06 12.34 -16.19
C ASP A 51 1.81 11.68 -15.69
N HIS A 52 1.84 10.42 -15.26
CA HIS A 52 0.65 9.76 -14.73
C HIS A 52 0.39 10.35 -13.36
N GLY A 53 1.41 10.55 -12.53
CA GLY A 53 1.36 11.23 -11.24
C GLY A 53 0.79 12.64 -11.39
N GLN A 54 1.23 13.41 -12.40
CA GLN A 54 0.67 14.73 -12.73
C GLN A 54 -0.81 14.74 -13.22
N LYS A 55 -1.25 13.80 -14.10
CA LYS A 55 -2.65 13.65 -14.54
C LYS A 55 -3.54 13.20 -13.40
N VAL A 56 -3.03 12.41 -12.44
CA VAL A 56 -3.76 12.00 -11.26
C VAL A 56 -4.06 13.20 -10.37
N CYS A 57 -3.05 14.03 -10.08
CA CYS A 57 -3.17 15.17 -9.18
C CYS A 57 -4.04 16.23 -9.73
N ASN A 58 -3.70 16.67 -10.96
CA ASN A 58 -4.39 17.77 -11.61
C ASN A 58 -5.81 17.37 -12.05
N ASN A 59 -6.15 16.10 -11.77
CA ASN A 59 -7.45 15.49 -11.97
C ASN A 59 -8.36 15.78 -10.82
N ILE A 60 -7.83 15.42 -9.62
CA ILE A 60 -8.46 15.43 -8.30
C ILE A 60 -8.85 16.75 -7.65
N GLY A 61 -7.95 17.72 -7.71
CA GLY A 61 -8.18 19.02 -7.16
C GLY A 61 -7.04 19.93 -7.58
N SER A 62 -7.05 21.12 -7.00
CA SER A 62 -6.02 22.09 -7.30
C SER A 62 -4.78 21.88 -6.46
N PRO A 63 -3.63 22.35 -6.97
CA PRO A 63 -2.34 22.50 -6.29
C PRO A 63 -2.28 22.89 -4.80
N ASP A 64 -3.37 23.50 -4.31
CA ASP A 64 -3.52 23.92 -2.92
C ASP A 64 -3.77 22.72 -1.99
N VAL A 65 -4.43 21.67 -2.53
CA VAL A 65 -4.64 20.42 -1.81
C VAL A 65 -3.79 19.27 -2.29
N ILE A 66 -3.60 19.01 -3.57
CA ILE A 66 -2.78 17.88 -3.98
C ILE A 66 -1.75 18.49 -4.92
N SER A 67 -0.55 17.93 -4.77
CA SER A 67 0.57 18.20 -5.65
C SER A 67 1.35 16.91 -5.86
N PHE A 68 2.17 16.85 -6.91
CA PHE A 68 2.98 15.69 -7.23
C PHE A 68 4.45 16.01 -6.99
N VAL A 69 5.20 15.10 -6.38
CA VAL A 69 6.66 15.21 -6.22
C VAL A 69 7.34 14.02 -6.86
N HIS A 70 8.43 14.10 -7.64
CA HIS A 70 9.08 12.87 -8.11
C HIS A 70 9.88 12.36 -6.93
N CYS A 71 9.74 11.06 -6.72
CA CYS A 71 10.43 10.40 -5.64
C CYS A 71 10.53 8.92 -6.00
N ASP A 72 11.80 8.49 -5.97
CA ASP A 72 12.23 7.13 -6.18
C ASP A 72 12.60 6.75 -4.78
N VAL A 73 11.68 6.02 -4.15
CA VAL A 73 11.82 5.65 -2.74
C VAL A 73 12.98 4.71 -2.37
N THR A 74 13.81 4.27 -3.35
CA THR A 74 15.06 3.60 -3.04
C THR A 74 16.20 4.64 -2.99
N LYS A 75 15.88 5.92 -3.20
CA LYS A 75 16.81 7.03 -3.04
C LYS A 75 16.41 7.92 -1.89
N ASP A 76 17.31 7.83 -0.89
CA ASP A 76 17.18 8.58 0.35
C ASP A 76 17.21 10.09 0.16
N GLU A 77 17.95 10.60 -0.83
CA GLU A 77 17.98 12.01 -1.11
C GLU A 77 16.58 12.41 -1.60
N ASP A 78 15.90 11.57 -2.39
CA ASP A 78 14.53 11.82 -2.86
C ASP A 78 13.45 11.70 -1.78
N VAL A 79 13.58 10.76 -0.82
CA VAL A 79 12.64 10.65 0.31
C VAL A 79 12.86 11.83 1.26
N ARG A 80 14.11 12.28 1.43
CA ARG A 80 14.49 13.44 2.25
C ARG A 80 13.76 14.61 1.66
N ASN A 81 13.94 14.84 0.35
CA ASN A 81 13.25 15.89 -0.42
C ASN A 81 11.73 15.84 -0.45
N LEU A 82 11.10 14.65 -0.62
CA LEU A 82 9.65 14.50 -0.60
C LEU A 82 9.03 14.98 0.72
N VAL A 83 9.61 14.56 1.86
CA VAL A 83 9.17 14.95 3.20
C VAL A 83 9.38 16.45 3.52
N ASP A 84 10.60 17.00 3.26
CA ASP A 84 11.01 18.40 3.48
C ASP A 84 10.20 19.36 2.61
N THR A 85 9.88 18.94 1.38
CA THR A 85 8.93 19.66 0.53
C THR A 85 7.51 19.61 1.12
N THR A 86 7.03 18.51 1.76
CA THR A 86 5.71 18.55 2.43
C THR A 86 5.73 19.43 3.66
N ILE A 87 6.76 19.45 4.51
CA ILE A 87 6.87 20.39 5.62
C ILE A 87 6.92 21.84 5.13
N ALA A 88 7.70 22.17 4.09
CA ALA A 88 7.72 23.53 3.53
C ALA A 88 6.39 24.00 2.92
N LYS A 89 5.55 23.11 2.38
CA LYS A 89 4.29 23.43 1.72
C LYS A 89 3.25 23.53 2.83
N HIS A 90 2.96 22.40 3.47
CA HIS A 90 1.97 22.35 4.55
C HIS A 90 2.79 22.33 5.83
N GLY A 91 2.54 22.99 6.97
CA GLY A 91 3.60 23.05 7.99
C GLY A 91 3.89 21.81 8.85
N LYS A 92 3.50 20.58 8.45
CA LYS A 92 3.55 19.39 9.32
C LYS A 92 3.40 18.07 8.59
N LEU A 93 3.54 16.91 9.26
CA LEU A 93 3.24 15.56 8.70
C LEU A 93 2.46 14.68 9.70
N ASP A 94 1.17 14.43 9.35
CA ASP A 94 0.23 13.61 10.12
C ASP A 94 0.23 12.17 9.65
N ILE A 95 0.22 11.89 8.33
CA ILE A 95 -0.01 10.58 7.75
C ILE A 95 1.04 10.15 6.73
N MET A 96 1.65 8.97 6.83
CA MET A 96 2.49 8.50 5.77
C MET A 96 1.96 7.15 5.37
N PHE A 97 1.58 7.11 4.10
CA PHE A 97 1.14 5.87 3.51
C PHE A 97 2.20 5.44 2.48
N GLY A 98 3.04 4.43 2.85
CA GLY A 98 4.06 3.77 2.04
C GLY A 98 3.42 2.62 1.30
N ASN A 99 3.00 2.93 0.07
CA ASN A 99 2.26 2.11 -0.86
C ASN A 99 3.04 1.68 -2.13
N VAL A 100 4.37 1.70 -2.13
CA VAL A 100 5.13 1.22 -3.26
C VAL A 100 5.35 -0.26 -3.04
N GLY A 101 5.13 -0.94 -4.15
CA GLY A 101 5.43 -2.32 -4.24
C GLY A 101 5.59 -2.68 -5.69
N VAL A 102 6.53 -3.57 -6.05
CA VAL A 102 6.64 -4.14 -7.40
C VAL A 102 6.60 -5.67 -7.37
N LEU A 103 6.22 -6.25 -8.50
CA LEU A 103 6.23 -7.68 -8.66
C LEU A 103 7.59 -8.06 -9.24
N SER A 104 7.77 -9.38 -9.32
CA SER A 104 8.93 -10.04 -9.89
C SER A 104 8.64 -10.16 -11.37
N THR A 105 9.79 -10.06 -12.09
CA THR A 105 9.87 -10.19 -13.56
C THR A 105 10.67 -11.41 -14.07
N THR A 106 10.99 -12.36 -13.16
CA THR A 106 11.52 -13.69 -13.49
C THR A 106 10.45 -14.73 -13.10
N PRO A 107 10.48 -16.00 -13.60
CA PRO A 107 9.51 -17.01 -13.28
C PRO A 107 9.52 -17.35 -11.80
N TYR A 108 8.37 -17.89 -11.38
CA TYR A 108 8.11 -18.41 -10.03
C TYR A 108 9.07 -19.45 -9.48
N SER A 109 9.46 -20.51 -10.19
CA SER A 109 10.31 -21.55 -9.63
C SER A 109 11.62 -20.97 -9.19
N ILE A 110 11.98 -21.39 -7.97
CA ILE A 110 13.16 -20.98 -7.25
C ILE A 110 14.43 -21.11 -8.11
N LEU A 111 14.38 -22.11 -8.99
CA LEU A 111 15.38 -22.49 -9.98
C LEU A 111 15.50 -21.45 -11.10
N GLU A 112 14.40 -20.81 -11.47
CA GLU A 112 14.45 -19.85 -12.52
C GLU A 112 14.26 -18.45 -11.96
N ALA A 113 14.10 -18.30 -10.64
CA ALA A 113 13.92 -16.99 -10.01
C ALA A 113 15.26 -16.25 -10.04
N GLY A 114 15.32 -15.02 -10.56
CA GLY A 114 16.56 -14.28 -10.73
C GLY A 114 17.22 -13.73 -9.46
N ASN A 115 18.56 -13.71 -9.40
CA ASN A 115 19.31 -13.15 -8.28
C ASN A 115 19.28 -11.65 -8.32
N GLU A 116 19.35 -10.98 -9.48
CA GLU A 116 19.28 -9.52 -9.62
C GLU A 116 17.87 -9.04 -9.35
N ASP A 117 16.95 -9.76 -9.94
CA ASP A 117 15.56 -9.47 -9.66
C ASP A 117 15.24 -9.51 -8.16
N PHE A 118 15.78 -10.48 -7.38
CA PHE A 118 15.59 -10.62 -5.93
C PHE A 118 16.06 -9.36 -5.23
N LYS A 119 17.30 -8.96 -5.50
CA LYS A 119 17.87 -7.73 -5.00
C LYS A 119 17.06 -6.46 -5.21
N ARG A 120 16.56 -6.33 -6.44
CA ARG A 120 15.84 -5.15 -6.82
C ARG A 120 14.47 -5.18 -6.24
N VAL A 121 13.70 -6.28 -6.23
CA VAL A 121 12.37 -6.31 -5.60
C VAL A 121 12.54 -6.11 -4.09
N MET A 122 13.59 -6.67 -3.51
CA MET A 122 13.87 -6.41 -2.10
C MET A 122 14.14 -4.92 -1.82
N ASP A 123 14.79 -4.29 -2.79
CA ASP A 123 15.13 -2.91 -2.68
C ASP A 123 13.92 -2.00 -2.72
N ILE A 124 13.05 -2.16 -3.72
CA ILE A 124 11.91 -1.28 -3.88
C ILE A 124 10.95 -1.55 -2.74
N ASN A 125 10.64 -2.84 -2.53
CA ASN A 125 9.61 -3.16 -1.57
C ASN A 125 9.92 -3.04 -0.08
N VAL A 126 11.16 -3.27 0.39
CA VAL A 126 11.47 -3.24 1.81
C VAL A 126 12.32 -2.04 2.19
N TYR A 127 13.46 -1.83 1.52
CA TYR A 127 14.29 -0.68 1.86
C TYR A 127 13.56 0.61 1.55
N GLY A 128 12.85 0.66 0.40
CA GLY A 128 11.99 1.75 0.01
C GLY A 128 10.99 2.09 1.12
N ALA A 129 10.42 1.09 1.83
CA ALA A 129 9.50 1.27 2.98
C ALA A 129 10.25 1.70 4.23
N PHE A 130 11.46 1.18 4.46
CA PHE A 130 12.34 1.61 5.55
C PHE A 130 12.65 3.09 5.38
N LEU A 131 13.01 3.54 4.17
CA LEU A 131 13.35 4.94 3.94
C LEU A 131 12.24 5.98 4.19
N VAL A 132 11.01 5.64 3.77
CA VAL A 132 9.75 6.35 3.98
C VAL A 132 9.40 6.51 5.48
N ALA A 133 9.48 5.43 6.26
CA ALA A 133 9.28 5.44 7.70
C ALA A 133 10.36 6.25 8.45
N LYS A 134 11.62 6.16 7.94
CA LYS A 134 12.78 6.88 8.46
C LYS A 134 12.62 8.38 8.42
N HIS A 135 12.10 8.94 7.32
CA HIS A 135 11.95 10.39 7.13
C HIS A 135 10.67 10.94 7.65
N ALA A 136 9.58 10.17 7.55
CA ALA A 136 8.32 10.48 8.24
C ALA A 136 8.53 10.49 9.75
N ALA A 137 9.27 9.52 10.32
CA ALA A 137 9.53 9.49 11.76
C ALA A 137 10.38 10.71 12.13
N ARG A 138 11.17 11.28 11.22
CA ARG A 138 11.93 12.51 11.44
C ARG A 138 11.05 13.71 11.77
N VAL A 139 9.94 13.95 11.07
CA VAL A 139 9.09 15.08 11.33
C VAL A 139 7.84 14.77 12.15
N MET A 140 7.57 13.48 12.38
CA MET A 140 6.50 13.07 13.29
C MET A 140 6.98 12.95 14.71
N ILE A 141 8.18 12.43 15.07
CA ILE A 141 8.57 12.27 16.47
C ILE A 141 8.52 13.65 17.19
N PRO A 142 9.07 14.81 16.76
CA PRO A 142 8.90 16.11 17.45
C PRO A 142 7.50 16.63 17.58
N ALA A 143 6.57 16.22 16.69
CA ALA A 143 5.15 16.56 16.86
C ALA A 143 4.41 15.60 17.79
N LYS A 144 5.11 14.51 18.15
CA LYS A 144 4.67 13.39 18.95
C LYS A 144 3.26 12.92 18.54
N LYS A 145 2.92 13.02 17.25
CA LYS A 145 1.69 12.49 16.68
C LYS A 145 2.00 11.89 15.32
N GLY A 146 1.25 10.89 14.85
CA GLY A 146 1.48 10.33 13.52
C GLY A 146 0.93 8.91 13.28
N SER A 147 0.60 8.60 12.03
CA SER A 147 0.19 7.30 11.53
C SER A 147 0.95 6.99 10.25
N ILE A 148 1.68 5.87 10.33
CA ILE A 148 2.43 5.35 9.20
C ILE A 148 1.66 4.08 8.84
N VAL A 149 1.30 4.01 7.56
CA VAL A 149 0.58 2.90 7.02
C VAL A 149 1.35 2.45 5.80
N PHE A 150 1.57 1.16 5.78
CA PHE A 150 2.28 0.48 4.77
C PHE A 150 1.33 -0.35 3.94
N THR A 151 1.39 -0.54 2.62
CA THR A 151 0.56 -1.59 2.05
C THR A 151 1.40 -2.85 2.03
N ALA A 152 0.98 -3.94 2.75
CA ALA A 152 1.68 -5.22 2.72
C ALA A 152 0.92 -6.01 1.69
N SER A 153 0.43 -7.22 1.98
CA SER A 153 -0.35 -8.00 1.05
C SER A 153 -0.82 -9.20 1.87
N ILE A 154 -1.70 -10.08 1.38
CA ILE A 154 -2.03 -11.34 2.08
C ILE A 154 -0.78 -12.23 1.95
N SER A 155 0.18 -11.89 1.05
CA SER A 155 1.47 -12.56 0.94
C SER A 155 2.40 -12.13 2.07
N SER A 156 1.94 -11.29 3.02
CA SER A 156 2.68 -10.99 4.24
C SER A 156 2.55 -12.14 5.25
N PHE A 157 1.70 -13.15 4.98
CA PHE A 157 1.58 -14.35 5.86
C PHE A 157 1.18 -15.62 5.14
N THR A 158 0.90 -15.60 3.83
CA THR A 158 0.65 -16.87 3.12
C THR A 158 1.48 -16.96 1.86
N ALA A 159 1.37 -18.09 1.19
CA ALA A 159 2.06 -18.31 -0.07
C ALA A 159 1.07 -18.52 -1.20
N GLY A 160 1.51 -18.55 -2.45
CA GLY A 160 0.59 -18.80 -3.53
C GLY A 160 1.41 -19.30 -4.70
N GLU A 161 0.90 -20.28 -5.45
CA GLU A 161 1.60 -20.79 -6.59
C GLU A 161 1.40 -19.82 -7.72
N GLY A 162 2.54 -19.28 -8.02
CA GLY A 162 2.59 -18.22 -8.97
C GLY A 162 2.96 -16.89 -8.30
N VAL A 163 3.09 -16.71 -6.98
CA VAL A 163 3.49 -15.39 -6.47
C VAL A 163 4.93 -15.73 -6.14
N SER A 164 5.87 -14.94 -6.68
CA SER A 164 7.26 -15.27 -6.57
C SER A 164 7.73 -15.28 -5.11
N HIS A 165 8.77 -16.08 -4.86
CA HIS A 165 9.38 -16.19 -3.54
C HIS A 165 9.96 -14.86 -3.06
N VAL A 166 10.41 -13.86 -3.90
CA VAL A 166 10.92 -12.58 -3.41
C VAL A 166 9.74 -11.72 -3.01
N TYR A 167 8.58 -11.72 -3.70
CA TYR A 167 7.39 -10.95 -3.30
C TYR A 167 6.79 -11.39 -1.93
N THR A 168 6.70 -12.71 -1.65
CA THR A 168 6.26 -13.24 -0.37
C THR A 168 7.21 -12.74 0.76
N ALA A 169 8.54 -13.03 0.56
CA ALA A 169 9.64 -12.60 1.43
C ALA A 169 9.67 -11.09 1.65
N THR A 170 9.47 -10.26 0.64
CA THR A 170 9.32 -8.79 0.79
C THR A 170 8.01 -8.33 1.50
N LYS A 171 6.84 -8.99 1.28
CA LYS A 171 5.62 -8.56 1.96
C LYS A 171 5.58 -9.09 3.39
N HIS A 172 6.33 -10.15 3.75
CA HIS A 172 6.59 -10.48 5.14
C HIS A 172 7.51 -9.54 5.90
N ALA A 173 8.46 -8.95 5.19
CA ALA A 173 9.42 -8.04 5.77
C ALA A 173 8.76 -6.68 5.95
N VAL A 174 7.77 -6.29 5.12
CA VAL A 174 6.99 -5.08 5.31
C VAL A 174 6.16 -5.23 6.59
N LEU A 175 5.54 -6.38 6.91
CA LEU A 175 4.84 -6.61 8.16
C LEU A 175 5.87 -6.57 9.27
N GLY A 176 7.07 -7.09 9.06
CA GLY A 176 8.22 -7.05 9.98
C GLY A 176 8.60 -5.66 10.42
N LEU A 177 8.75 -4.71 9.50
CA LEU A 177 8.95 -3.29 9.81
C LEU A 177 7.71 -2.68 10.45
N THR A 178 6.48 -3.07 10.08
CA THR A 178 5.25 -2.56 10.67
C THR A 178 5.28 -2.89 12.16
N THR A 179 5.49 -4.15 12.53
CA THR A 179 5.51 -4.61 13.93
C THR A 179 6.65 -4.00 14.74
N SER A 180 7.78 -3.75 14.04
CA SER A 180 9.00 -3.29 14.68
C SER A 180 8.95 -1.77 14.93
N LEU A 181 8.49 -1.04 13.93
CA LEU A 181 8.34 0.42 14.02
C LEU A 181 7.27 0.82 15.03
N CYS A 182 6.23 -0.05 15.12
CA CYS A 182 5.12 0.07 16.05
C CYS A 182 5.69 0.00 17.46
N THR A 183 6.55 -0.94 17.77
CA THR A 183 7.14 -1.08 19.09
C THR A 183 8.10 0.05 19.36
N GLU A 184 8.79 0.65 18.41
CA GLU A 184 9.65 1.79 18.73
C GLU A 184 8.86 3.07 18.92
N LEU A 185 7.97 3.34 17.96
CA LEU A 185 7.31 4.63 17.84
C LEU A 185 6.04 4.90 18.61
N GLY A 186 5.31 3.90 19.14
CA GLY A 186 4.14 4.08 19.99
C GLY A 186 4.53 4.89 21.22
N GLU A 187 5.80 4.88 21.64
CA GLU A 187 6.28 5.69 22.76
C GLU A 187 6.35 7.19 22.45
N TYR A 188 6.48 7.60 21.16
CA TYR A 188 6.29 8.99 20.73
C TYR A 188 4.83 9.30 20.27
N GLY A 189 3.81 8.46 20.61
CA GLY A 189 2.43 8.57 20.19
C GLY A 189 2.23 8.34 18.70
N ILE A 190 3.03 7.53 18.03
CA ILE A 190 2.94 7.28 16.62
C ILE A 190 2.56 5.82 16.41
N ARG A 191 1.45 5.74 15.67
CA ARG A 191 0.85 4.47 15.31
C ARG A 191 1.46 3.94 13.99
N VAL A 192 1.80 2.64 13.85
CA VAL A 192 2.35 2.08 12.59
C VAL A 192 1.49 0.87 12.24
N ASN A 193 0.88 0.84 11.05
CA ASN A 193 0.00 -0.21 10.63
C ASN A 193 0.26 -0.53 9.17
N CYS A 194 -0.26 -1.69 8.77
CA CYS A 194 -0.28 -2.10 7.38
C CYS A 194 -1.62 -2.73 6.99
N VAL A 195 -1.87 -2.70 5.69
CA VAL A 195 -3.08 -3.13 5.08
C VAL A 195 -2.68 -4.28 4.15
N SER A 196 -3.36 -5.44 4.14
CA SER A 196 -3.00 -6.58 3.35
C SER A 196 -4.12 -6.95 2.41
N PRO A 197 -4.21 -6.33 1.22
CA PRO A 197 -5.31 -6.63 0.29
C PRO A 197 -5.22 -7.96 -0.51
N TYR A 198 -6.32 -8.49 -1.02
CA TYR A 198 -6.30 -9.62 -1.93
C TYR A 198 -6.22 -8.93 -3.33
N ILE A 199 -6.61 -9.51 -4.49
CA ILE A 199 -6.57 -8.87 -5.81
C ILE A 199 -7.57 -7.74 -5.89
N VAL A 200 -6.88 -6.63 -6.13
CA VAL A 200 -7.45 -5.33 -6.42
C VAL A 200 -7.34 -5.23 -7.96
N ALA A 201 -8.62 -5.26 -8.29
CA ALA A 201 -9.23 -5.25 -9.61
C ALA A 201 -8.57 -4.89 -10.94
N SER A 202 -7.59 -3.97 -11.02
CA SER A 202 -7.06 -3.47 -12.28
C SER A 202 -5.76 -2.68 -12.11
N PRO A 203 -5.07 -2.04 -13.10
CA PRO A 203 -5.61 -1.21 -14.24
C PRO A 203 -5.64 -1.51 -15.78
N LEU A 204 -6.19 -2.65 -16.30
CA LEU A 204 -6.22 -3.13 -17.70
C LEU A 204 -4.86 -3.35 -18.42
N LEU A 205 -4.45 -4.43 -17.74
CA LEU A 205 -3.33 -5.38 -17.68
C LEU A 205 -2.33 -6.01 -18.65
N THR A 206 -2.42 -6.14 -19.99
CA THR A 206 -1.49 -7.02 -20.72
C THR A 206 0.06 -6.86 -20.87
N ASP A 207 0.57 -7.95 -20.31
CA ASP A 207 1.97 -8.36 -20.31
C ASP A 207 2.10 -9.74 -20.98
N VAL A 208 1.12 -10.64 -20.71
CA VAL A 208 1.14 -12.02 -21.23
C VAL A 208 0.04 -12.39 -22.25
N PHE A 209 -1.23 -12.08 -21.92
CA PHE A 209 -2.54 -12.41 -22.52
C PHE A 209 -3.10 -13.41 -21.50
N GLY A 210 -4.36 -13.05 -21.25
CA GLY A 210 -5.19 -13.59 -20.19
C GLY A 210 -5.59 -12.37 -19.38
N VAL A 211 -4.49 -11.65 -19.01
CA VAL A 211 -4.44 -10.38 -18.29
C VAL A 211 -5.06 -9.24 -19.13
N ASP A 212 -6.20 -8.84 -18.58
CA ASP A 212 -7.21 -7.91 -19.08
C ASP A 212 -8.05 -7.59 -17.82
N SER A 213 -8.52 -6.36 -17.50
CA SER A 213 -8.96 -6.25 -16.11
C SER A 213 -10.31 -5.93 -15.50
N SER A 214 -11.19 -6.36 -16.40
CA SER A 214 -12.60 -6.65 -16.14
C SER A 214 -12.63 -8.15 -15.71
N ARG A 215 -11.66 -8.83 -16.39
CA ARG A 215 -11.31 -10.24 -16.28
C ARG A 215 -10.52 -10.70 -15.06
N VAL A 216 -9.65 -9.89 -14.46
CA VAL A 216 -9.00 -10.47 -13.29
C VAL A 216 -9.96 -10.43 -12.10
N GLU A 217 -10.87 -9.44 -12.01
CA GLU A 217 -11.79 -9.44 -10.86
C GLU A 217 -12.87 -10.49 -10.98
N GLU A 218 -13.13 -10.94 -12.21
CA GLU A 218 -14.09 -11.97 -12.52
C GLU A 218 -13.61 -13.30 -11.96
N LEU A 219 -12.29 -13.53 -12.02
CA LEU A 219 -11.60 -14.74 -11.53
C LEU A 219 -11.27 -14.71 -10.05
N ALA A 220 -11.06 -13.50 -9.56
CA ALA A 220 -10.88 -13.16 -8.16
C ALA A 220 -12.22 -13.40 -7.46
N HIS A 221 -13.38 -13.13 -8.07
CA HIS A 221 -14.68 -13.55 -7.58
C HIS A 221 -14.88 -15.08 -7.63
N GLN A 222 -14.42 -15.86 -8.64
CA GLN A 222 -14.51 -17.33 -8.77
C GLN A 222 -13.95 -17.95 -7.51
N ALA A 223 -12.70 -17.52 -7.30
CA ALA A 223 -11.83 -17.90 -6.23
C ALA A 223 -12.09 -17.25 -4.86
N ALA A 224 -12.92 -16.19 -4.76
CA ALA A 224 -13.24 -15.45 -3.54
C ALA A 224 -14.11 -16.08 -2.46
N ASN A 225 -13.59 -15.84 -1.25
CA ASN A 225 -14.45 -15.83 -0.11
C ASN A 225 -14.57 -14.28 -0.19
N LEU A 226 -15.94 -14.30 -0.16
CA LEU A 226 -16.97 -13.29 -0.17
C LEU A 226 -17.43 -12.99 -1.59
N LYS A 227 -18.73 -13.28 -1.65
CA LYS A 227 -19.50 -13.17 -2.87
C LYS A 227 -20.34 -11.90 -2.98
N GLY A 228 -20.62 -11.51 -4.22
CA GLY A 228 -21.49 -10.38 -4.41
C GLY A 228 -20.79 -9.05 -4.34
N THR A 229 -19.52 -8.98 -3.93
CA THR A 229 -18.71 -7.76 -3.95
C THR A 229 -17.47 -8.11 -4.69
N LEU A 230 -16.98 -7.07 -5.39
CA LEU A 230 -15.68 -7.11 -6.03
C LEU A 230 -14.77 -6.27 -5.13
N LEU A 231 -13.54 -6.71 -4.83
CA LEU A 231 -12.52 -5.92 -4.12
C LEU A 231 -12.01 -4.88 -5.10
N ARG A 232 -12.11 -3.60 -4.82
CA ARG A 232 -11.60 -2.57 -5.69
C ARG A 232 -10.76 -1.70 -4.79
N ALA A 233 -9.98 -0.87 -5.46
CA ALA A 233 -9.04 0.02 -4.78
C ALA A 233 -9.71 0.91 -3.73
N GLU A 234 -11.00 1.23 -3.92
CA GLU A 234 -11.82 2.05 -3.03
C GLU A 234 -11.95 1.40 -1.66
N ASP A 235 -12.04 0.08 -1.59
CA ASP A 235 -12.10 -0.65 -0.34
C ASP A 235 -10.77 -0.68 0.43
N VAL A 236 -9.58 -0.74 -0.20
CA VAL A 236 -8.28 -0.64 0.52
C VAL A 236 -8.15 0.78 1.09
N ALA A 237 -8.53 1.77 0.29
CA ALA A 237 -8.58 3.22 0.58
C ALA A 237 -9.31 3.59 1.83
N ASP A 238 -10.44 2.89 2.03
CA ASP A 238 -11.29 2.99 3.21
C ASP A 238 -10.59 2.40 4.38
N ALA A 239 -9.94 1.25 4.27
CA ALA A 239 -9.12 0.68 5.32
C ALA A 239 -7.93 1.58 5.70
N VAL A 240 -7.21 2.21 4.73
CA VAL A 240 -6.09 3.06 5.15
C VAL A 240 -6.64 4.41 5.61
N ALA A 241 -7.76 4.98 5.12
CA ALA A 241 -8.40 6.17 5.71
C ALA A 241 -8.75 5.91 7.15
N TYR A 242 -9.29 4.74 7.58
CA TYR A 242 -9.54 4.37 8.96
C TYR A 242 -8.27 4.39 9.76
N LEU A 243 -7.24 3.73 9.23
CA LEU A 243 -6.00 3.63 9.97
C LEU A 243 -5.25 4.92 10.07
N ALA A 244 -5.47 5.76 9.06
CA ALA A 244 -4.79 7.02 8.95
C ALA A 244 -5.30 8.12 9.85
N GLY A 245 -6.59 8.08 10.19
CA GLY A 245 -6.98 9.21 10.95
C GLY A 245 -7.56 8.83 12.24
N ASP A 246 -8.66 9.30 11.72
CA ASP A 246 -10.01 9.26 12.21
C ASP A 246 -10.21 7.86 12.73
N GLU A 247 -10.53 7.89 14.03
CA GLU A 247 -11.09 6.70 14.63
C GLU A 247 -10.23 5.48 14.87
N SER A 248 -8.94 5.58 14.67
CA SER A 248 -8.11 4.43 14.91
C SER A 248 -6.97 4.78 15.86
N LYS A 249 -7.16 5.74 16.74
CA LYS A 249 -6.06 6.12 17.58
C LYS A 249 -5.61 5.33 18.80
N TYR A 250 -6.14 4.11 18.97
CA TYR A 250 -5.43 3.18 19.79
C TYR A 250 -5.10 1.90 18.98
N VAL A 251 -5.18 1.80 17.62
CA VAL A 251 -4.69 0.61 16.93
C VAL A 251 -3.32 0.84 16.32
N SER A 252 -2.36 0.02 16.70
CA SER A 252 -1.02 0.10 16.11
C SER A 252 -0.53 -1.35 15.85
N GLY A 253 -1.11 -2.36 16.53
CA GLY A 253 -0.68 -3.71 16.19
C GLY A 253 -0.69 -4.11 14.66
N LEU A 254 -1.77 -3.67 14.06
CA LEU A 254 -2.38 -4.21 12.87
C LEU A 254 -1.91 -4.39 11.44
N ASN A 255 -2.02 -5.68 11.05
CA ASN A 255 -2.06 -6.11 9.65
C ASN A 255 -3.58 -6.27 9.34
N LEU A 256 -4.12 -5.20 8.72
CA LEU A 256 -5.52 -5.16 8.35
C LEU A 256 -5.76 -5.82 6.98
N VAL A 257 -5.98 -7.15 7.07
CA VAL A 257 -6.39 -8.01 5.95
C VAL A 257 -7.79 -7.62 5.41
N ILE A 258 -7.77 -7.43 4.10
CA ILE A 258 -8.91 -7.10 3.31
C ILE A 258 -8.93 -8.02 2.09
N ASP A 259 -9.40 -9.22 2.45
CA ASP A 259 -9.60 -10.33 1.53
C ASP A 259 -10.94 -11.04 1.59
N GLY A 260 -11.91 -10.48 2.29
CA GLY A 260 -13.24 -11.04 2.40
C GLY A 260 -13.17 -12.41 3.01
N GLY A 261 -12.11 -12.77 3.73
CA GLY A 261 -11.99 -14.08 4.35
C GLY A 261 -11.28 -15.08 3.48
N TYR A 262 -10.70 -14.74 2.32
CA TYR A 262 -10.05 -15.73 1.42
C TYR A 262 -9.00 -16.61 2.14
N THR A 263 -8.16 -15.94 2.95
CA THR A 263 -7.05 -16.63 3.58
C THR A 263 -7.35 -17.41 4.86
N ARG A 264 -8.63 -17.53 5.22
CA ARG A 264 -9.06 -18.20 6.47
C ARG A 264 -9.29 -19.69 6.30
N THR A 265 -9.24 -20.14 5.04
CA THR A 265 -9.46 -21.53 4.63
C THR A 265 -8.56 -22.00 3.50
N ASN A 266 -8.20 -23.29 3.45
CA ASN A 266 -7.69 -23.82 2.20
C ASN A 266 -8.80 -24.80 1.84
N PRO A 267 -9.52 -24.53 0.73
CA PRO A 267 -10.64 -25.32 0.22
C PRO A 267 -10.30 -26.55 -0.60
N ALA A 268 -9.02 -26.93 -0.77
CA ALA A 268 -8.67 -28.08 -1.63
C ALA A 268 -9.15 -29.42 -1.16
N PHE A 269 -9.08 -29.73 0.13
CA PHE A 269 -9.65 -30.99 0.59
C PHE A 269 -11.21 -30.96 0.73
N PRO A 270 -11.95 -29.92 1.20
CA PRO A 270 -13.39 -29.73 0.93
C PRO A 270 -13.90 -29.88 -0.53
N THR A 271 -13.22 -29.36 -1.58
CA THR A 271 -13.68 -29.57 -2.93
C THR A 271 -13.37 -31.04 -3.31
N ALA A 272 -12.33 -31.70 -2.76
CA ALA A 272 -12.07 -33.10 -3.00
C ALA A 272 -13.11 -33.91 -2.20
N LEU A 273 -13.73 -33.37 -1.11
CA LEU A 273 -14.87 -33.91 -0.35
C LEU A 273 -16.13 -34.06 -1.20
N LYS A 274 -16.85 -32.98 -1.65
CA LYS A 274 -18.13 -32.95 -2.40
C LYS A 274 -19.23 -34.02 -2.06
N HIS A 275 -19.95 -34.76 -2.97
CA HIS A 275 -20.92 -35.86 -2.65
C HIS A 275 -21.57 -36.73 -3.78
N GLY A 276 -22.42 -36.06 -4.60
CA GLY A 276 -23.34 -36.50 -5.66
C GLY A 276 -22.99 -37.41 -6.81
N LEU A 277 -21.80 -37.99 -6.90
CA LEU A 277 -21.55 -38.85 -8.01
C LEU A 277 -22.20 -40.19 -7.67
#